data_2Y6O
#
_entry.id   2Y6O
#
_cell.length_a   32.412
_cell.length_b   91.636
_cell.length_c   98.346
_cell.angle_alpha   90.00
_cell.angle_beta   90.00
_cell.angle_gamma   90.00
#
_symmetry.space_group_name_H-M   'P 21 21 21'
#
loop_
_entity.id
_entity.type
_entity.pdbx_description
1 polymer 'EPHRIN TYPE-A RECEPTOR 4'
2 non-polymer N-(2-CHLORO-6-METHYLPHENYL)-2-({6-[4-(2-HYDROXYETHYL)PIPERAZIN-1-YL]-2-METHYLPYRIMIDIN-4-YL}AMINO)-1,3-THIAZOLE-5-CARBOXAMIDE
3 water water
#
_entity_poly.entity_id   1
_entity_poly.type   'polypeptide(L)'
_entity_poly.pdbx_seq_one_letter_code
;NQAVREFAKEIDASCIKIEKVIGVGEFGEVCSGRLKVPGKREICVAIKTLKAGYTDKQRRDFLSEASIMGQFDHPNIIHL
EGVVTKCKPVMIITEYMENGSLDAFLRKNDGRFTVIQLVGMLRGIGSGMKYLSDMSYVHRDLAARNILVNSNLVCKVSDF
GMSRVLEDDPEAAYTTRGGKIPIRWTAPEAIAYRKFTSASDVWSYGIVMWEVMSYGERPYWDMSNQDVIKAIEEGYRLPP
PMDCPIALHQLMLDCWQKERSDRPKFGQIVNMLDKLIRNPNSLKRTGSESS
;
_entity_poly.pdbx_strand_id   A
#
# COMPACT_ATOMS: atom_id res chain seq x y z
N VAL A 4 -9.91 -5.41 24.10
CA VAL A 4 -10.78 -4.47 23.40
C VAL A 4 -10.20 -4.05 22.07
N ARG A 5 -11.08 -3.73 21.13
CA ARG A 5 -10.66 -3.32 19.80
C ARG A 5 -11.04 -1.86 19.59
N GLU A 6 -10.39 -1.22 18.61
CA GLU A 6 -10.75 0.15 18.26
C GLU A 6 -12.01 0.12 17.38
N PHE A 7 -12.52 1.30 17.07
CA PHE A 7 -13.68 1.39 16.20
C PHE A 7 -13.64 2.71 15.44
N ALA A 8 -14.54 2.86 14.48
CA ALA A 8 -14.59 4.08 13.68
C ALA A 8 -15.48 5.10 14.37
N LYS A 9 -14.99 6.34 14.49
CA LYS A 9 -15.76 7.43 15.09
C LYS A 9 -16.87 7.91 14.15
N GLU A 10 -18.02 8.24 14.73
CA GLU A 10 -19.12 8.80 13.94
C GLU A 10 -18.87 10.28 13.70
N ILE A 11 -18.96 10.69 12.44
CA ILE A 11 -18.78 12.08 12.07
C ILE A 11 -20.12 12.72 11.72
N ASP A 12 -20.42 13.87 12.32
CA ASP A 12 -21.62 14.62 11.99
C ASP A 12 -21.57 15.03 10.51
N ALA A 13 -22.62 14.70 9.76
CA ALA A 13 -22.62 14.94 8.32
C ALA A 13 -22.52 16.42 7.95
N SER A 14 -22.89 17.30 8.86
CA SER A 14 -22.83 18.73 8.58
C SER A 14 -21.38 19.22 8.56
N CYS A 15 -20.47 18.41 9.09
CA CYS A 15 -19.05 18.77 9.14
C CYS A 15 -18.34 18.41 7.84
N ILE A 16 -19.06 17.77 6.92
CA ILE A 16 -18.44 17.28 5.70
C ILE A 16 -18.97 18.03 4.48
N LYS A 17 -18.05 18.46 3.62
CA LYS A 17 -18.41 19.08 2.35
C LYS A 17 -17.74 18.32 1.20
N ILE A 18 -18.54 17.67 0.37
CA ILE A 18 -18.01 16.93 -0.76
C ILE A 18 -17.73 17.88 -1.92
N GLU A 19 -16.54 17.79 -2.50
CA GLU A 19 -16.15 18.73 -3.54
C GLU A 19 -16.19 18.15 -4.96
N LYS A 20 -15.63 16.96 -5.14
CA LYS A 20 -15.71 16.32 -6.45
C LYS A 20 -15.42 14.82 -6.37
N VAL A 21 -15.87 14.09 -7.39
CA VAL A 21 -15.57 12.67 -7.49
C VAL A 21 -14.17 12.52 -8.08
N ILE A 22 -13.35 11.66 -7.47
CA ILE A 22 -11.97 11.50 -7.91
C ILE A 22 -11.64 10.08 -8.34
N GLY A 23 -12.56 9.16 -8.09
CA GLY A 23 -12.37 7.77 -8.51
C GLY A 23 -13.67 7.00 -8.48
N VAL A 24 -13.79 6.01 -9.36
CA VAL A 24 -14.96 5.16 -9.39
C VAL A 24 -14.56 3.69 -9.47
N GLY A 25 -15.37 2.83 -8.87
CA GLY A 25 -15.08 1.41 -8.87
C GLY A 25 -16.35 0.58 -8.87
N GLU A 26 -16.20 -0.74 -8.84
CA GLU A 26 -17.34 -1.64 -8.83
C GLU A 26 -18.05 -1.58 -7.49
N PHE A 27 -17.33 -1.13 -6.46
CA PHE A 27 -17.86 -1.07 -5.11
C PHE A 27 -18.69 0.19 -4.91
N GLY A 28 -18.30 1.26 -5.59
CA GLY A 28 -18.86 2.58 -5.37
C GLY A 28 -17.93 3.66 -5.89
N GLU A 29 -17.72 4.72 -5.14
CA GLU A 29 -16.84 5.78 -5.60
C GLU A 29 -16.14 6.50 -4.47
N VAL A 30 -15.11 7.25 -4.85
CA VAL A 30 -14.35 8.05 -3.88
C VAL A 30 -14.35 9.50 -4.31
N CYS A 31 -14.55 10.39 -3.34
CA CYS A 31 -14.59 11.83 -3.60
C CYS A 31 -13.57 12.53 -2.74
N SER A 32 -13.20 13.73 -3.13
CA SER A 32 -12.42 14.59 -2.25
C SER A 32 -13.36 15.59 -1.63
N GLY A 33 -12.98 16.13 -0.47
CA GLY A 33 -13.84 17.05 0.23
C GLY A 33 -13.13 17.68 1.41
N ARG A 34 -13.90 18.37 2.24
CA ARG A 34 -13.39 19.04 3.42
C ARG A 34 -14.12 18.60 4.69
N LEU A 35 -13.37 18.44 5.77
CA LEU A 35 -13.92 18.11 7.08
C LEU A 35 -13.58 19.23 8.04
N LYS A 36 -14.60 19.82 8.66
CA LYS A 36 -14.41 20.92 9.60
C LYS A 36 -15.25 20.64 10.82
N VAL A 37 -14.59 20.31 11.92
CA VAL A 37 -15.26 20.00 13.17
C VAL A 37 -15.09 21.22 14.07
N PRO A 38 -16.13 21.53 14.86
CA PRO A 38 -16.05 22.74 15.69
C PRO A 38 -14.78 22.74 16.53
N GLY A 39 -14.07 23.87 16.50
CA GLY A 39 -12.86 24.03 17.31
C GLY A 39 -11.58 23.53 16.68
N LYS A 40 -11.68 22.86 15.53
CA LYS A 40 -10.52 22.28 14.88
C LYS A 40 -10.31 22.85 13.49
N ARG A 41 -9.07 22.83 13.01
CA ARG A 41 -8.80 23.36 11.68
C ARG A 41 -9.40 22.44 10.63
N GLU A 42 -9.83 23.03 9.53
CA GLU A 42 -10.35 22.27 8.39
C GLU A 42 -9.26 21.39 7.79
N ILE A 43 -9.60 20.16 7.43
CA ILE A 43 -8.65 19.34 6.66
C ILE A 43 -9.30 18.83 5.38
N CYS A 44 -8.48 18.52 4.39
CA CYS A 44 -8.98 17.81 3.20
C CYS A 44 -9.14 16.33 3.54
N VAL A 45 -10.19 15.73 3.02
CA VAL A 45 -10.43 14.32 3.24
C VAL A 45 -10.82 13.61 1.94
N ALA A 46 -10.68 12.28 1.96
CA ALA A 46 -11.26 11.42 0.95
C ALA A 46 -12.52 10.79 1.52
N ILE A 47 -13.54 10.64 0.68
CA ILE A 47 -14.83 10.13 1.13
C ILE A 47 -15.24 8.96 0.24
N LYS A 48 -15.40 7.78 0.82
CA LYS A 48 -15.82 6.61 0.04
C LYS A 48 -17.28 6.28 0.31
N THR A 49 -18.00 5.93 -0.76
CA THR A 49 -19.41 5.56 -0.66
C THR A 49 -19.65 4.25 -1.39
N LEU A 50 -20.72 3.54 -1.02
CA LEU A 50 -21.15 2.34 -1.73
C LEU A 50 -21.98 2.73 -2.94
N LYS A 51 -22.03 1.84 -3.92
CA LYS A 51 -22.87 2.02 -5.07
C LYS A 51 -24.33 2.24 -4.64
N ALA A 52 -25.02 3.10 -5.38
CA ALA A 52 -26.43 3.36 -5.12
C ALA A 52 -27.23 2.05 -5.06
N GLY A 53 -28.16 2.00 -4.12
CA GLY A 53 -29.06 0.86 -3.98
C GLY A 53 -28.47 -0.30 -3.18
N TYR A 54 -27.39 -0.03 -2.45
CA TYR A 54 -26.76 -1.07 -1.66
C TYR A 54 -27.70 -1.75 -0.68
N THR A 55 -27.47 -3.05 -0.47
CA THR A 55 -28.26 -3.82 0.49
C THR A 55 -27.71 -3.69 1.91
N ASP A 56 -28.47 -4.20 2.87
CA ASP A 56 -28.02 -4.26 4.26
C ASP A 56 -26.72 -5.03 4.39
N LYS A 57 -26.60 -6.15 3.69
CA LYS A 57 -25.39 -6.96 3.74
C LYS A 57 -24.20 -6.18 3.21
N GLN A 58 -24.41 -5.50 2.08
CA GLN A 58 -23.34 -4.69 1.51
C GLN A 58 -22.94 -3.56 2.45
N ARG A 59 -23.91 -2.96 3.13
CA ARG A 59 -23.64 -1.90 4.08
C ARG A 59 -22.79 -2.41 5.24
N ARG A 60 -23.09 -3.62 5.71
CA ARG A 60 -22.30 -4.24 6.77
C ARG A 60 -20.86 -4.54 6.32
N ASP A 61 -20.71 -5.15 5.14
CA ASP A 61 -19.38 -5.45 4.63
C ASP A 61 -18.56 -4.18 4.39
N PHE A 62 -19.27 -3.08 4.12
CA PHE A 62 -18.62 -1.80 3.91
C PHE A 62 -18.12 -1.24 5.21
N LEU A 63 -18.99 -1.18 6.22
CA LEU A 63 -18.61 -0.63 7.51
C LEU A 63 -17.58 -1.52 8.21
N SER A 64 -17.29 -2.67 7.60
CA SER A 64 -16.23 -3.57 8.09
C SER A 64 -14.84 -3.15 7.63
N GLU A 65 -14.73 -2.64 6.41
CA GLU A 65 -13.47 -2.04 5.98
C GLU A 65 -13.11 -0.90 6.94
N ALA A 66 -14.11 -0.18 7.44
CA ALA A 66 -13.87 0.93 8.35
C ALA A 66 -13.44 0.47 9.74
N SER A 67 -14.09 -0.56 10.27
CA SER A 67 -13.75 -1.07 11.60
C SER A 67 -12.35 -1.64 11.62
N ILE A 68 -11.97 -2.34 10.55
CA ILE A 68 -10.62 -2.89 10.42
C ILE A 68 -9.61 -1.75 10.39
N MET A 69 -9.85 -0.76 9.54
N MET A 69 -9.86 -0.76 9.53
CA MET A 69 -8.98 0.39 9.42
CA MET A 69 -8.98 0.40 9.42
C MET A 69 -8.83 1.14 10.75
C MET A 69 -8.83 1.14 10.74
N GLY A 70 -9.89 1.14 11.54
CA GLY A 70 -9.88 1.83 12.82
C GLY A 70 -8.90 1.25 13.82
N GLN A 71 -8.43 0.03 13.55
N GLN A 71 -8.43 0.03 13.58
CA GLN A 71 -7.49 -0.67 14.42
CA GLN A 71 -7.49 -0.59 14.49
C GLN A 71 -6.07 -0.18 14.22
C GLN A 71 -6.07 -0.07 14.29
N PHE A 72 -5.85 0.54 13.12
CA PHE A 72 -4.50 0.89 12.71
C PHE A 72 -4.19 2.36 12.93
N ASP A 73 -3.08 2.63 13.61
CA ASP A 73 -2.66 4.00 13.87
C ASP A 73 -1.16 4.08 13.70
N HIS A 74 -0.73 4.32 12.46
CA HIS A 74 0.70 4.34 12.14
C HIS A 74 0.92 5.34 11.02
N PRO A 75 2.09 6.02 11.02
CA PRO A 75 2.30 7.07 10.01
C PRO A 75 2.33 6.59 8.58
N ASN A 76 2.51 5.29 8.35
CA ASN A 76 2.54 4.73 6.99
C ASN A 76 1.36 3.82 6.68
N ILE A 77 0.26 4.01 7.41
CA ILE A 77 -1.01 3.35 7.14
C ILE A 77 -2.08 4.43 7.02
N ILE A 78 -2.91 4.36 5.98
N ILE A 78 -2.92 4.34 5.99
CA ILE A 78 -3.90 5.40 5.75
CA ILE A 78 -3.95 5.36 5.78
C ILE A 78 -4.71 5.68 7.02
C ILE A 78 -4.68 5.68 7.08
N HIS A 79 -4.85 6.97 7.35
CA HIS A 79 -5.51 7.39 8.59
C HIS A 79 -7.02 7.54 8.40
N LEU A 80 -7.79 6.79 9.21
CA LEU A 80 -9.24 6.89 9.21
C LEU A 80 -9.69 8.08 10.05
N GLU A 81 -10.51 8.94 9.46
CA GLU A 81 -11.11 10.03 10.24
C GLU A 81 -12.37 9.54 10.93
N GLY A 82 -13.18 8.76 10.22
CA GLY A 82 -14.41 8.24 10.80
C GLY A 82 -15.41 7.79 9.76
N VAL A 83 -16.67 7.64 10.19
CA VAL A 83 -17.72 7.15 9.31
C VAL A 83 -18.96 8.00 9.49
N VAL A 84 -19.82 7.99 8.46
CA VAL A 84 -21.16 8.53 8.59
C VAL A 84 -22.14 7.39 8.47
N THR A 85 -22.90 7.12 9.54
CA THR A 85 -23.81 5.99 9.54
C THR A 85 -25.22 6.39 10.00
N LYS A 86 -25.36 7.57 10.57
CA LYS A 86 -26.66 8.03 11.07
C LYS A 86 -27.48 8.60 9.92
N CYS A 87 -26.79 8.97 8.85
CA CYS A 87 -27.41 9.51 7.66
C CYS A 87 -27.17 8.58 6.48
N LYS A 88 -27.97 8.77 5.43
CA LYS A 88 -27.80 8.05 4.18
C LYS A 88 -27.32 9.00 3.08
N PRO A 89 -26.41 8.53 2.20
CA PRO A 89 -25.79 7.20 2.20
C PRO A 89 -24.64 7.09 3.20
N VAL A 90 -24.28 5.85 3.52
CA VAL A 90 -23.18 5.58 4.43
C VAL A 90 -21.85 6.01 3.78
N MET A 91 -20.92 6.52 4.59
CA MET A 91 -19.64 6.98 4.08
C MET A 91 -18.49 6.59 4.98
N ILE A 92 -17.32 6.39 4.38
CA ILE A 92 -16.06 6.23 5.13
C ILE A 92 -15.18 7.43 4.78
N ILE A 93 -14.61 8.06 5.81
N ILE A 93 -14.62 8.08 5.80
CA ILE A 93 -13.81 9.27 5.63
CA ILE A 93 -13.82 9.29 5.58
C ILE A 93 -12.38 9.01 6.05
C ILE A 93 -12.38 9.12 6.07
N THR A 94 -11.42 9.31 5.17
CA THR A 94 -10.00 9.22 5.53
C THR A 94 -9.28 10.52 5.23
N GLU A 95 -8.03 10.62 5.68
CA GLU A 95 -7.16 11.67 5.21
C GLU A 95 -7.11 11.65 3.67
N TYR A 96 -6.88 12.82 3.07
CA TYR A 96 -6.75 12.93 1.63
C TYR A 96 -5.28 12.91 1.25
N MET A 97 -4.90 11.91 0.45
CA MET A 97 -3.52 11.78 -0.03
C MET A 97 -3.41 12.51 -1.37
N GLU A 98 -2.68 13.62 -1.37
CA GLU A 98 -2.70 14.56 -2.49
C GLU A 98 -2.17 14.00 -3.80
N ASN A 99 -1.24 13.05 -3.73
CA ASN A 99 -0.63 12.53 -4.95
C ASN A 99 -1.19 11.19 -5.45
N GLY A 100 -2.25 10.71 -4.80
CA GLY A 100 -2.93 9.53 -5.27
C GLY A 100 -2.12 8.25 -5.16
N SER A 101 -2.36 7.31 -6.07
N SER A 101 -2.36 7.30 -6.05
CA SER A 101 -1.72 6.00 -6.00
CA SER A 101 -1.70 6.00 -5.95
C SER A 101 -0.25 6.05 -6.45
C SER A 101 -0.25 6.08 -6.41
N LEU A 102 0.61 5.30 -5.77
CA LEU A 102 2.03 5.35 -6.02
C LEU A 102 2.40 4.96 -7.44
N ASP A 103 1.74 3.95 -8.01
CA ASP A 103 2.05 3.52 -9.37
C ASP A 103 1.81 4.67 -10.35
N ALA A 104 0.64 5.27 -10.25
CA ALA A 104 0.29 6.37 -11.14
C ALA A 104 1.25 7.54 -10.95
N PHE A 105 1.57 7.82 -9.69
CA PHE A 105 2.39 8.97 -9.34
C PHE A 105 3.78 8.81 -9.95
N LEU A 106 4.38 7.62 -9.81
CA LEU A 106 5.71 7.45 -10.36
C LEU A 106 5.71 7.48 -11.88
N ARG A 107 4.66 6.96 -12.50
CA ARG A 107 4.60 6.89 -13.98
C ARG A 107 4.49 8.29 -14.57
N LYS A 108 3.93 9.21 -13.81
CA LYS A 108 3.78 10.61 -14.22
C LYS A 108 5.02 11.43 -13.89
N ASN A 109 5.94 10.84 -13.15
CA ASN A 109 7.13 11.54 -12.70
C ASN A 109 8.37 10.71 -12.95
N ASP A 110 8.37 10.04 -14.10
CA ASP A 110 9.44 9.12 -14.44
C ASP A 110 10.78 9.83 -14.40
N GLY A 111 11.70 9.31 -13.59
CA GLY A 111 13.05 9.84 -13.49
C GLY A 111 13.22 11.09 -12.64
N ARG A 112 12.14 11.57 -12.01
CA ARG A 112 12.18 12.87 -11.35
C ARG A 112 12.73 12.90 -9.92
N PHE A 113 12.89 11.73 -9.30
CA PHE A 113 13.31 11.67 -7.90
C PHE A 113 14.73 11.12 -7.74
N THR A 114 15.33 11.37 -6.59
CA THR A 114 16.67 10.84 -6.34
C THR A 114 16.55 9.44 -5.78
N VAL A 115 17.63 8.66 -5.84
CA VAL A 115 17.64 7.35 -5.22
C VAL A 115 17.24 7.40 -3.75
N ILE A 116 17.78 8.37 -3.01
N ILE A 116 17.77 8.37 -3.01
CA ILE A 116 17.45 8.51 -1.59
CA ILE A 116 17.45 8.51 -1.58
C ILE A 116 15.96 8.77 -1.34
C ILE A 116 15.95 8.77 -1.34
N GLN A 117 15.35 9.57 -2.21
CA GLN A 117 13.90 9.81 -2.11
C GLN A 117 13.17 8.48 -2.32
N LEU A 118 13.56 7.73 -3.35
CA LEU A 118 12.87 6.47 -3.64
C LEU A 118 13.05 5.48 -2.48
N VAL A 119 14.25 5.41 -1.94
CA VAL A 119 14.51 4.53 -0.81
C VAL A 119 13.67 4.95 0.40
N GLY A 120 13.51 6.26 0.59
CA GLY A 120 12.65 6.76 1.65
C GLY A 120 11.20 6.30 1.51
N MET A 121 10.70 6.29 0.28
CA MET A 121 9.35 5.79 0.02
C MET A 121 9.28 4.32 0.42
N LEU A 122 10.27 3.54 0.01
CA LEU A 122 10.28 2.12 0.31
C LEU A 122 10.39 1.86 1.81
N ARG A 123 11.13 2.70 2.51
CA ARG A 123 11.26 2.55 3.96
C ARG A 123 9.90 2.79 4.62
N GLY A 124 9.19 3.83 4.17
CA GLY A 124 7.85 4.08 4.69
C GLY A 124 6.90 2.89 4.49
N ILE A 125 6.84 2.38 3.26
CA ILE A 125 6.00 1.23 2.97
C ILE A 125 6.39 0.05 3.86
N GLY A 126 7.69 -0.17 4.03
CA GLY A 126 8.17 -1.28 4.85
C GLY A 126 7.74 -1.11 6.29
N SER A 127 7.83 0.12 6.80
N SER A 127 7.79 0.13 6.79
CA SER A 127 7.42 0.42 8.17
CA SER A 127 7.42 0.41 8.17
C SER A 127 5.93 0.13 8.38
C SER A 127 5.92 0.24 8.42
N GLY A 128 5.10 0.55 7.42
CA GLY A 128 3.66 0.28 7.53
C GLY A 128 3.41 -1.23 7.49
N MET A 129 4.15 -1.95 6.66
CA MET A 129 3.98 -3.39 6.56
C MET A 129 4.49 -4.11 7.82
N LYS A 130 5.54 -3.57 8.44
CA LYS A 130 6.02 -4.15 9.69
C LYS A 130 4.92 -4.03 10.73
N TYR A 131 4.28 -2.86 10.78
CA TYR A 131 3.18 -2.62 11.71
C TYR A 131 2.00 -3.58 11.46
N LEU A 132 1.57 -3.71 10.20
CA LEU A 132 0.48 -4.63 9.89
C LEU A 132 0.80 -6.07 10.26
N SER A 133 1.98 -6.54 9.86
CA SER A 133 2.40 -7.90 10.15
C SER A 133 2.58 -8.14 11.66
N ASP A 134 3.03 -7.12 12.39
CA ASP A 134 3.13 -7.17 13.86
C ASP A 134 1.77 -7.55 14.44
N MET A 135 0.71 -7.07 13.79
N MET A 135 0.71 -7.05 13.81
CA MET A 135 -0.66 -7.24 14.27
CA MET A 135 -0.64 -7.26 14.33
C MET A 135 -1.30 -8.54 13.81
C MET A 135 -1.32 -8.49 13.76
N SER A 136 -0.57 -9.32 13.02
CA SER A 136 -1.07 -10.56 12.46
C SER A 136 -2.00 -10.36 11.27
N TYR A 137 -1.93 -9.19 10.63
N TYR A 137 -1.92 -9.18 10.67
CA TYR A 137 -2.73 -8.93 9.44
CA TYR A 137 -2.68 -8.92 9.45
C TYR A 137 -1.96 -9.16 8.14
C TYR A 137 -1.86 -9.41 8.25
N VAL A 138 -2.55 -9.93 7.24
CA VAL A 138 -1.89 -10.26 5.98
C VAL A 138 -2.66 -9.47 4.92
N HIS A 139 -1.92 -8.71 4.13
CA HIS A 139 -2.55 -7.80 3.19
C HIS A 139 -3.11 -8.57 1.99
N ARG A 140 -2.28 -9.44 1.42
CA ARG A 140 -2.61 -10.29 0.24
C ARG A 140 -2.60 -9.58 -1.11
N ASP A 141 -2.63 -8.25 -1.10
CA ASP A 141 -2.77 -7.47 -2.32
C ASP A 141 -1.80 -6.30 -2.35
N LEU A 142 -0.61 -6.49 -1.78
CA LEU A 142 0.38 -5.41 -1.74
C LEU A 142 0.97 -5.17 -3.11
N ALA A 143 0.83 -3.93 -3.59
CA ALA A 143 1.28 -3.52 -4.91
C ALA A 143 1.29 -2.01 -4.91
N ALA A 144 2.08 -1.39 -5.79
CA ALA A 144 2.16 0.06 -5.80
C ALA A 144 0.79 0.74 -6.00
N ARG A 145 -0.11 0.06 -6.73
CA ARG A 145 -1.46 0.60 -6.94
C ARG A 145 -2.24 0.74 -5.62
N ASN A 146 -1.82 0.01 -4.59
CA ASN A 146 -2.52 0.01 -3.29
C ASN A 146 -1.75 0.78 -2.22
N ILE A 147 -0.81 1.61 -2.66
N ILE A 147 -0.85 1.64 -2.66
CA ILE A 147 -0.09 2.53 -1.79
CA ILE A 147 -0.10 2.53 -1.77
C ILE A 147 -0.53 3.91 -2.21
C ILE A 147 -0.36 3.97 -2.18
N LEU A 148 -0.79 4.78 -1.23
CA LEU A 148 -1.13 6.18 -1.50
C LEU A 148 -0.01 7.11 -1.08
N VAL A 149 0.09 8.27 -1.73
CA VAL A 149 1.21 9.20 -1.51
C VAL A 149 0.70 10.60 -1.25
N ASN A 150 1.22 11.25 -0.21
CA ASN A 150 0.82 12.62 0.11
C ASN A 150 1.76 13.66 -0.46
N SER A 151 1.45 14.93 -0.18
N SER A 151 1.47 14.93 -0.18
CA SER A 151 2.21 16.03 -0.77
CA SER A 151 2.21 16.04 -0.79
C SER A 151 3.69 15.98 -0.41
C SER A 151 3.68 16.10 -0.34
N ASN A 152 4.00 15.43 0.77
CA ASN A 152 5.37 15.35 1.24
C ASN A 152 6.06 14.04 0.85
N LEU A 153 5.44 13.33 -0.09
CA LEU A 153 5.97 12.07 -0.61
C LEU A 153 5.94 10.93 0.40
N VAL A 154 5.21 11.11 1.49
CA VAL A 154 5.00 10.02 2.44
C VAL A 154 4.06 8.98 1.83
N CYS A 155 4.51 7.72 1.85
CA CYS A 155 3.75 6.61 1.31
C CYS A 155 3.03 5.85 2.43
N LYS A 156 1.77 5.51 2.15
CA LYS A 156 0.95 4.80 3.14
C LYS A 156 0.21 3.63 2.52
N VAL A 157 0.21 2.51 3.22
CA VAL A 157 -0.50 1.33 2.77
C VAL A 157 -2.01 1.54 2.90
N SER A 158 -2.72 1.21 1.82
N SER A 158 -2.76 1.17 1.86
CA SER A 158 -4.17 1.31 1.72
CA SER A 158 -4.22 1.22 1.91
C SER A 158 -4.75 -0.06 1.31
C SER A 158 -4.83 -0.11 1.50
N ASP A 159 -5.99 -0.07 0.85
CA ASP A 159 -6.62 -1.28 0.33
C ASP A 159 -6.89 -2.33 1.40
N PHE A 160 -7.79 -2.00 2.33
CA PHE A 160 -8.15 -2.90 3.42
C PHE A 160 -9.58 -3.39 3.26
N ILE A 181 -6.51 -13.43 -7.91
CA ILE A 181 -5.13 -13.26 -7.50
C ILE A 181 -4.34 -12.41 -8.49
N PRO A 182 -3.75 -11.30 -8.02
CA PRO A 182 -2.79 -10.55 -8.85
C PRO A 182 -1.50 -11.38 -9.00
N ILE A 183 -1.49 -12.26 -10.00
CA ILE A 183 -0.44 -13.27 -10.11
C ILE A 183 0.99 -12.74 -9.96
N ARG A 184 1.31 -11.68 -10.69
N ARG A 184 1.36 -11.70 -10.69
CA ARG A 184 2.67 -11.19 -10.79
CA ARG A 184 2.76 -11.32 -10.73
C ARG A 184 3.24 -10.65 -9.48
C ARG A 184 3.25 -10.53 -9.50
N TRP A 185 2.34 -10.30 -8.54
CA TRP A 185 2.74 -9.73 -7.26
C TRP A 185 2.71 -10.80 -6.16
N THR A 186 2.31 -12.01 -6.51
CA THR A 186 1.99 -13.00 -5.49
C THR A 186 3.05 -14.09 -5.31
N ALA A 187 3.35 -14.46 -4.06
CA ALA A 187 4.39 -15.44 -3.78
C ALA A 187 4.00 -16.78 -4.38
N PRO A 188 4.99 -17.55 -4.82
CA PRO A 188 4.66 -18.83 -5.46
C PRO A 188 3.83 -19.77 -4.58
N GLU A 189 4.07 -19.79 -3.27
CA GLU A 189 3.33 -20.69 -2.38
C GLU A 189 1.90 -20.20 -2.16
N ALA A 190 1.67 -18.90 -2.34
CA ALA A 190 0.33 -18.35 -2.20
C ALA A 190 -0.49 -18.68 -3.45
N ILE A 191 0.16 -18.70 -4.61
CA ILE A 191 -0.50 -19.10 -5.83
C ILE A 191 -0.77 -20.60 -5.84
N ALA A 192 0.26 -21.38 -5.54
CA ALA A 192 0.18 -22.84 -5.69
C ALA A 192 -0.57 -23.56 -4.57
N TYR A 193 -0.54 -23.01 -3.36
CA TYR A 193 -1.11 -23.70 -2.19
C TYR A 193 -2.04 -22.80 -1.38
N ARG A 194 -2.31 -21.59 -1.89
CA ARG A 194 -3.18 -20.64 -1.21
C ARG A 194 -2.71 -20.33 0.21
N LYS A 195 -1.39 -20.39 0.42
CA LYS A 195 -0.81 -20.07 1.71
C LYS A 195 -0.38 -18.60 1.74
N PHE A 196 -1.22 -17.76 2.33
CA PHE A 196 -0.96 -16.32 2.47
C PHE A 196 -0.52 -16.02 3.88
N THR A 197 0.67 -15.46 4.01
CA THR A 197 1.23 -15.11 5.32
C THR A 197 1.99 -13.81 5.17
N SER A 198 2.56 -13.31 6.26
N SER A 198 2.55 -13.31 6.26
CA SER A 198 3.37 -12.11 6.15
CA SER A 198 3.38 -12.11 6.15
C SER A 198 4.63 -12.34 5.29
C SER A 198 4.52 -12.36 5.17
N ALA A 199 5.00 -13.61 5.10
CA ALA A 199 6.10 -13.93 4.20
C ALA A 199 5.70 -13.83 2.72
N SER A 200 4.45 -14.13 2.40
CA SER A 200 4.01 -13.89 1.02
C SER A 200 3.84 -12.37 0.79
N ASP A 201 3.44 -11.62 1.83
CA ASP A 201 3.46 -10.17 1.74
C ASP A 201 4.89 -9.64 1.49
N VAL A 202 5.90 -10.30 2.05
CA VAL A 202 7.29 -9.87 1.82
C VAL A 202 7.70 -10.07 0.34
N TRP A 203 7.28 -11.18 -0.25
CA TRP A 203 7.48 -11.39 -1.69
C TRP A 203 6.91 -10.20 -2.47
N SER A 204 5.65 -9.89 -2.17
CA SER A 204 4.96 -8.78 -2.83
C SER A 204 5.72 -7.48 -2.62
N TYR A 205 6.21 -7.28 -1.40
CA TYR A 205 6.99 -6.08 -1.09
C TYR A 205 8.22 -5.95 -2.02
N GLY A 206 8.90 -7.08 -2.25
CA GLY A 206 9.99 -7.11 -3.22
C GLY A 206 9.54 -6.62 -4.59
N ILE A 207 8.36 -7.07 -5.02
CA ILE A 207 7.83 -6.60 -6.30
C ILE A 207 7.57 -5.09 -6.24
N VAL A 208 7.00 -4.61 -5.13
CA VAL A 208 6.82 -3.18 -4.96
C VAL A 208 8.15 -2.41 -5.05
N MET A 209 9.21 -2.96 -4.45
CA MET A 209 10.54 -2.32 -4.55
C MET A 209 10.95 -2.16 -6.01
N TRP A 210 10.71 -3.20 -6.78
CA TRP A 210 11.02 -3.18 -8.20
C TRP A 210 10.16 -2.16 -8.94
N GLU A 211 8.86 -2.11 -8.62
CA GLU A 211 8.00 -1.10 -9.21
C GLU A 211 8.51 0.29 -8.89
N VAL A 212 8.89 0.53 -7.64
CA VAL A 212 9.33 1.87 -7.29
C VAL A 212 10.60 2.25 -8.04
N MET A 213 11.59 1.37 -8.05
CA MET A 213 12.87 1.72 -8.63
C MET A 213 12.79 1.79 -10.15
N SER A 214 11.74 1.20 -10.74
CA SER A 214 11.55 1.27 -12.19
C SER A 214 10.53 2.37 -12.59
N TYR A 215 10.07 3.14 -11.62
CA TYR A 215 9.03 4.17 -11.90
C TYR A 215 7.74 3.59 -12.47
N GLY A 216 7.36 2.44 -11.94
CA GLY A 216 6.07 1.85 -12.27
C GLY A 216 6.01 0.97 -13.50
N GLU A 217 7.12 0.36 -13.90
CA GLU A 217 7.06 -0.64 -14.96
C GLU A 217 6.22 -1.84 -14.54
N ARG A 218 5.71 -2.57 -15.53
N ARG A 218 5.69 -2.56 -15.52
CA ARG A 218 4.96 -3.79 -15.28
CA ARG A 218 4.92 -3.75 -15.21
C ARG A 218 5.93 -4.91 -14.94
C ARG A 218 5.83 -4.94 -14.96
N PRO A 219 5.76 -5.53 -13.76
CA PRO A 219 6.62 -6.67 -13.45
C PRO A 219 6.50 -7.76 -14.53
N TYR A 220 7.65 -8.23 -15.01
CA TYR A 220 7.73 -9.30 -16.02
C TYR A 220 7.24 -8.84 -17.40
N TRP A 221 7.00 -7.55 -17.55
CA TRP A 221 6.65 -6.95 -18.85
C TRP A 221 5.57 -7.73 -19.61
N ASP A 222 5.87 -8.12 -20.85
CA ASP A 222 4.90 -8.80 -21.71
C ASP A 222 4.73 -10.30 -21.44
N MET A 223 5.43 -10.84 -20.43
CA MET A 223 5.25 -12.24 -20.09
C MET A 223 3.81 -12.51 -19.65
N SER A 224 3.25 -13.64 -20.06
CA SER A 224 1.90 -14.01 -19.62
C SER A 224 1.95 -14.53 -18.19
N ASN A 225 0.80 -14.55 -17.52
CA ASN A 225 0.74 -15.10 -16.17
C ASN A 225 1.32 -16.52 -16.10
N GLN A 226 0.98 -17.34 -17.09
CA GLN A 226 1.51 -18.70 -17.15
C GLN A 226 3.04 -18.72 -17.27
N ASP A 227 3.57 -17.85 -18.11
CA ASP A 227 5.02 -17.74 -18.29
C ASP A 227 5.72 -17.31 -17.00
N VAL A 228 5.10 -16.38 -16.27
CA VAL A 228 5.66 -15.88 -15.02
C VAL A 228 5.74 -17.00 -14.00
N ILE A 229 4.63 -17.72 -13.85
CA ILE A 229 4.60 -18.83 -12.91
C ILE A 229 5.65 -19.89 -13.20
N LYS A 230 5.77 -20.28 -14.45
CA LYS A 230 6.78 -21.27 -14.82
C LYS A 230 8.21 -20.75 -14.64
N ALA A 231 8.45 -19.49 -15.02
CA ALA A 231 9.79 -18.94 -14.91
C ALA A 231 10.25 -18.85 -13.45
N ILE A 232 9.37 -18.38 -12.58
CA ILE A 232 9.68 -18.30 -11.15
C ILE A 232 10.03 -19.68 -10.58
N GLU A 233 9.25 -20.68 -10.96
CA GLU A 233 9.52 -22.04 -10.51
C GLU A 233 10.90 -22.55 -10.98
N GLU A 234 11.31 -22.12 -12.18
CA GLU A 234 12.62 -22.49 -12.72
C GLU A 234 13.77 -21.62 -12.22
N GLY A 235 13.47 -20.67 -11.34
CA GLY A 235 14.52 -19.88 -10.71
C GLY A 235 14.78 -18.51 -11.29
N TYR A 236 13.98 -18.09 -12.26
CA TYR A 236 14.11 -16.74 -12.81
C TYR A 236 13.67 -15.70 -11.77
N ARG A 237 14.42 -14.61 -11.66
CA ARG A 237 13.99 -13.44 -10.89
C ARG A 237 14.25 -12.17 -11.67
N LEU A 238 13.42 -11.15 -11.46
CA LEU A 238 13.58 -9.90 -12.17
C LEU A 238 14.97 -9.28 -11.98
N PRO A 239 15.50 -8.63 -13.03
CA PRO A 239 16.80 -7.98 -12.96
C PRO A 239 16.69 -6.62 -12.27
N PRO A 240 17.82 -5.99 -11.99
CA PRO A 240 17.77 -4.63 -11.45
C PRO A 240 17.14 -3.70 -12.44
N PRO A 241 16.22 -2.85 -11.98
CA PRO A 241 15.81 -1.75 -12.85
C PRO A 241 17.00 -0.87 -13.24
N MET A 242 16.80 -0.13 -14.32
CA MET A 242 17.83 0.77 -14.83
C MET A 242 18.32 1.69 -13.72
N ASP A 243 19.64 1.70 -13.54
CA ASP A 243 20.31 2.55 -12.56
C ASP A 243 19.98 2.22 -11.10
N CYS A 244 19.41 1.05 -10.86
CA CYS A 244 19.11 0.63 -9.50
C CYS A 244 20.36 0.17 -8.74
N PRO A 245 20.61 0.72 -7.55
CA PRO A 245 21.72 0.24 -6.72
C PRO A 245 21.69 -1.27 -6.48
N ILE A 246 22.84 -1.92 -6.59
CA ILE A 246 22.91 -3.36 -6.39
C ILE A 246 22.39 -3.79 -5.01
N ALA A 247 22.68 -3.00 -3.97
CA ALA A 247 22.20 -3.33 -2.63
C ALA A 247 20.68 -3.43 -2.56
N LEU A 248 19.98 -2.57 -3.31
CA LEU A 248 18.52 -2.60 -3.31
C LEU A 248 18.03 -3.82 -4.08
N HIS A 249 18.68 -4.13 -5.19
CA HIS A 249 18.29 -5.33 -5.94
C HIS A 249 18.56 -6.59 -5.13
N GLN A 250 19.67 -6.64 -4.40
CA GLN A 250 19.93 -7.80 -3.55
C GLN A 250 18.81 -7.99 -2.52
N LEU A 251 18.31 -6.88 -1.96
CA LEU A 251 17.20 -6.96 -1.02
C LEU A 251 15.93 -7.51 -1.69
N MET A 252 15.67 -7.10 -2.92
CA MET A 252 14.57 -7.67 -3.70
C MET A 252 14.74 -9.19 -3.81
N LEU A 253 15.96 -9.61 -4.16
CA LEU A 253 16.25 -11.04 -4.33
C LEU A 253 16.02 -11.81 -3.02
N ASP A 254 16.36 -11.19 -1.89
CA ASP A 254 16.10 -11.79 -0.58
C ASP A 254 14.60 -11.99 -0.36
N CYS A 255 13.80 -10.98 -0.72
CA CYS A 255 12.35 -11.05 -0.59
C CYS A 255 11.75 -12.14 -1.48
N TRP A 256 12.47 -12.49 -2.56
CA TRP A 256 11.96 -13.46 -3.51
C TRP A 256 12.63 -14.84 -3.35
N GLN A 257 13.15 -15.12 -2.17
CA GLN A 257 13.61 -16.49 -1.91
C GLN A 257 12.46 -17.48 -2.11
N LYS A 258 12.76 -18.63 -2.72
CA LYS A 258 11.72 -19.63 -2.98
C LYS A 258 11.00 -20.10 -1.70
N GLU A 259 11.77 -20.49 -0.70
CA GLU A 259 11.20 -20.97 0.55
C GLU A 259 10.83 -19.76 1.40
N ARG A 260 9.57 -19.69 1.82
CA ARG A 260 9.09 -18.47 2.49
C ARG A 260 9.87 -18.19 3.77
N SER A 261 10.33 -19.25 4.43
CA SER A 261 11.06 -19.11 5.68
C SER A 261 12.44 -18.48 5.48
N ASP A 262 12.93 -18.47 4.24
CA ASP A 262 14.23 -17.87 3.93
C ASP A 262 14.17 -16.35 3.65
N ARG A 263 12.97 -15.80 3.52
CA ARG A 263 12.79 -14.37 3.26
C ARG A 263 13.02 -13.56 4.54
N PRO A 264 13.53 -12.33 4.40
CA PRO A 264 13.68 -11.46 5.57
C PRO A 264 12.31 -11.12 6.14
N LYS A 265 12.25 -10.83 7.43
CA LYS A 265 11.02 -10.31 8.02
C LYS A 265 10.93 -8.80 7.76
N PHE A 266 9.74 -8.23 7.90
CA PHE A 266 9.60 -6.81 7.63
C PHE A 266 10.51 -5.95 8.51
N GLY A 267 10.71 -6.36 9.76
CA GLY A 267 11.60 -5.62 10.63
C GLY A 267 13.03 -5.60 10.08
N GLN A 268 13.46 -6.71 9.49
CA GLN A 268 14.79 -6.77 8.89
C GLN A 268 14.89 -5.90 7.65
N ILE A 269 13.84 -5.91 6.85
CA ILE A 269 13.78 -5.06 5.67
C ILE A 269 13.94 -3.59 6.06
N VAL A 270 13.18 -3.14 7.06
CA VAL A 270 13.23 -1.75 7.48
C VAL A 270 14.63 -1.44 8.03
N ASN A 271 15.16 -2.34 8.83
CA ASN A 271 16.50 -2.15 9.37
C ASN A 271 17.54 -2.02 8.27
N MET A 272 17.43 -2.87 7.25
N MET A 272 17.44 -2.87 7.25
CA MET A 272 18.37 -2.82 6.13
CA MET A 272 18.40 -2.78 6.14
C MET A 272 18.26 -1.51 5.34
C MET A 272 18.26 -1.46 5.39
N LEU A 273 17.03 -1.05 5.10
CA LEU A 273 16.83 0.22 4.43
C LEU A 273 17.38 1.38 5.27
N ASP A 274 17.15 1.32 6.58
CA ASP A 274 17.70 2.36 7.48
C ASP A 274 19.22 2.40 7.37
N LYS A 275 19.84 1.24 7.27
CA LYS A 275 21.31 1.19 7.18
C LYS A 275 21.80 1.74 5.85
N LEU A 276 21.06 1.49 4.77
CA LEU A 276 21.42 2.07 3.48
C LEU A 276 21.28 3.59 3.50
N ILE A 277 20.22 4.08 4.15
CA ILE A 277 19.97 5.51 4.22
C ILE A 277 21.03 6.20 5.10
N ARG A 278 21.46 5.51 6.16
CA ARG A 278 22.45 6.04 7.10
C ARG A 278 23.85 6.02 6.48
N ASN A 279 24.08 5.06 5.59
CA ASN A 279 25.37 4.90 4.92
C ASN A 279 25.20 4.96 3.40
N PRO A 280 24.91 6.16 2.88
CA PRO A 280 24.49 6.25 1.48
C PRO A 280 25.53 5.80 0.44
N ASN A 281 26.80 5.74 0.82
CA ASN A 281 27.80 5.20 -0.10
C ASN A 281 27.50 3.75 -0.47
N SER A 282 26.69 3.10 0.37
CA SER A 282 26.30 1.72 0.10
C SER A 282 25.41 1.63 -1.14
N LEU A 283 24.89 2.76 -1.59
CA LEU A 283 24.00 2.83 -2.76
C LEU A 283 24.77 3.13 -4.03
N LYS A 284 26.09 3.32 -3.89
CA LYS A 284 26.95 3.69 -5.02
C LYS A 284 27.02 2.62 -6.10
N ARG A 285 27.29 1.38 -5.72
CA ARG A 285 27.41 0.28 -6.67
C ARG A 285 26.10 0.04 -7.41
N THR A 286 26.13 0.11 -8.74
CA THR A 286 24.97 -0.23 -9.55
C THR A 286 25.29 -1.32 -10.55
#